data_9H8C
#
_entry.id   9H8C
#
_cell.length_a   71.531
_cell.length_b   69.208
_cell.length_c   168.237
_cell.angle_alpha   90.00
_cell.angle_beta   90.00
_cell.angle_gamma   90.00
#
_symmetry.space_group_name_H-M   'P 21 21 21'
#
loop_
_entity.id
_entity.type
_entity.pdbx_description
1 polymer 'Cyclin-dependent kinase 8'
2 polymer Cyclin-C
3 non-polymer 1,2-ETHANEDIOL
4 non-polymer GLYCEROL
5 non-polymer 4-[(3~{S})-3-[2-[(3~{R})-3-fluoranylpyrrolidin-1-yl]pyrimidin-4-yl]piperidin-1-yl]carbonyl-1~{H}-pyrrole-2-carbonitrile
6 non-polymer 'DIMETHYL SULFOXIDE'
7 water water
#
loop_
_entity_poly.entity_id
_entity_poly.type
_entity_poly.pdbx_seq_one_letter_code
_entity_poly.pdbx_strand_id
1 'polypeptide(L)'
;GPMDYKDDDDKMDYDFKVKLSSERERVEDLFEYEGCKVGRGTYGHVYKAKRKDGKDDKDYALKQIEGTGISMSACREIAL
LRELKHPNVISLQKVFLSHADRKVWLLFDYAEHDLWHIIKFHRASKANKKPVQLPRGMVKSLLYQILDGIHYLHANWVLH
RDLKPANILVMGEGPERGRVKIADMGFARLFNSPLKPLADLDPVVVTFWYRAPELLLGARHYTKAIDIWAIGCIFAELLT
SEPIFHCRQEDIKTSNPYHHDQLDRIFNVMGFPADKDWEDIKKMPEHSTLMKDFRRNTYTNCSLIKYMEKHKVKPDSKAF
HLLQKLLTMDPIKRITSEQAMQDPYFLEDPLPTSDVFAGCQIPYPKREFLTEEEPDDKGDKKNQQQQQGNNHTNGTGHPG
NQDSSHTQGPPLKK
;
A
2 'polypeptide(L)'
;GSGMKETAAAKFERQHMDSPDLGTDDDDKAMAGNFWQSSHYLQWILDKQDLLKERQKDLKFLSEEEYWKLQIFFTNVIQA
LGEHLKLRQQVIATATVYFKRFYARYSLKSIDPVLMAPTCVFLASKVEEFGVVSNTRLIAAATSVLKTRFSYAFPKEFPY
RMNHILECEFYLLELMDCCLIVYHPYRPLLQYVQDMGQEDMLLPLAWRIVNDTYRTDLCLLYPPFMIALACLHVACVVQQ
KDARQWFAELSVDMEKILEIIRVILKLYEQWKNFDERKEMATILSKMPKPKPPPNSEGEQGPNGSQNSSYSQS
;
B
#
loop_
_chem_comp.id
_chem_comp.type
_chem_comp.name
_chem_comp.formula
A1IS8 non-polymer 4-[(3~{S})-3-[2-[(3~{R})-3-fluoranylpyrrolidin-1-yl]pyrimidin-4-yl]piperidin-1-yl]carbonyl-1~{H}-pyrrole-2-carbonitrile 'C19 H21 F N6 O'
DMS non-polymer 'DIMETHYL SULFOXIDE' 'C2 H6 O S'
EDO non-polymer 1,2-ETHANEDIOL 'C2 H6 O2'
GOL non-polymer GLYCEROL 'C3 H8 O3'
#
# COMPACT_ATOMS: atom_id res chain seq x y z
N MET A 12 23.78 -2.58 -18.23
CA MET A 12 24.04 -1.97 -16.92
C MET A 12 25.54 -1.66 -16.72
N ASP A 13 25.85 -0.61 -15.94
CA ASP A 13 27.26 -0.26 -15.70
C ASP A 13 27.87 -1.33 -14.82
N TYR A 14 29.01 -1.88 -15.24
CA TYR A 14 29.68 -2.95 -14.51
C TYR A 14 30.11 -2.48 -13.14
N ASP A 15 30.74 -1.30 -13.06
CA ASP A 15 31.23 -0.76 -11.79
C ASP A 15 30.10 -0.56 -10.77
N PHE A 16 28.95 -0.12 -11.26
CA PHE A 16 27.75 0.08 -10.47
C PHE A 16 27.18 -1.29 -10.04
N LYS A 17 27.22 -2.28 -10.94
CA LYS A 17 26.75 -3.63 -10.66
C LYS A 17 27.56 -4.34 -9.57
N VAL A 18 28.90 -4.38 -9.68
CA VAL A 18 29.74 -5.03 -8.66
C VAL A 18 29.68 -4.33 -7.29
N LYS A 19 29.63 -3.00 -7.28
CA LYS A 19 29.56 -2.25 -6.03
C LYS A 19 28.25 -2.54 -5.32
N LEU A 20 27.12 -2.53 -6.04
CA LEU A 20 25.84 -2.84 -5.40
C LEU A 20 25.80 -4.27 -4.91
N SER A 21 26.36 -5.20 -5.68
CA SER A 21 26.42 -6.60 -5.32
C SER A 21 27.21 -6.79 -4.01
N SER A 22 28.32 -6.06 -3.86
CA SER A 22 29.14 -6.15 -2.65
C SER A 22 28.44 -5.55 -1.44
N GLU A 23 27.67 -4.48 -1.64
CA GLU A 23 26.97 -3.85 -0.52
C GLU A 23 25.73 -4.68 -0.11
N ARG A 24 25.05 -5.28 -1.11
CA ARG A 24 23.82 -6.06 -0.97
C ARG A 24 23.83 -7.08 0.16
N GLU A 25 23.05 -6.81 1.22
CA GLU A 25 22.87 -7.70 2.36
C GLU A 25 22.04 -8.90 1.92
N ARG A 26 22.53 -10.10 2.20
CA ARG A 26 21.83 -11.31 1.84
C ARG A 26 21.07 -11.86 3.02
N VAL A 27 19.79 -12.30 2.82
CA VAL A 27 18.94 -12.83 3.89
C VAL A 27 19.59 -14.06 4.55
N GLU A 28 20.11 -14.97 3.73
CA GLU A 28 20.72 -16.22 4.20
C GLU A 28 22.09 -16.03 4.87
N ASP A 29 22.71 -14.86 4.69
CA ASP A 29 23.97 -14.55 5.36
C ASP A 29 23.70 -13.84 6.69
N LEU A 30 22.63 -13.06 6.77
CA LEU A 30 22.29 -12.30 7.96
C LEU A 30 21.50 -13.11 9.01
N PHE A 31 20.69 -14.09 8.58
CA PHE A 31 19.85 -14.83 9.54
C PHE A 31 19.90 -16.36 9.46
N GLU A 32 19.58 -16.99 10.61
CA GLU A 32 19.43 -18.42 10.76
C GLU A 32 17.94 -18.69 10.86
N TYR A 33 17.37 -19.37 9.85
CA TYR A 33 15.94 -19.60 9.79
C TYR A 33 15.56 -20.95 9.20
N GLU A 34 16.52 -21.66 8.55
CA GLU A 34 16.19 -22.95 7.91
C GLU A 34 15.72 -24.00 8.90
N GLY A 35 14.56 -24.56 8.60
CA GLY A 35 13.93 -25.53 9.49
C GLY A 35 12.94 -24.87 10.44
N CYS A 36 13.14 -23.58 10.74
CA CYS A 36 12.29 -22.83 11.65
C CYS A 36 11.10 -22.15 10.96
N LYS A 37 10.30 -22.88 10.14
CA LYS A 37 9.13 -22.29 9.49
C LYS A 37 7.90 -22.39 10.39
N VAL A 38 7.30 -21.27 10.78
CA VAL A 38 6.13 -21.27 11.66
C VAL A 38 4.77 -21.08 10.92
N GLY A 39 4.83 -20.68 9.65
CA GLY A 39 3.63 -20.44 8.86
C GLY A 39 3.84 -20.65 7.38
N ARG A 40 2.78 -21.06 6.71
CA ARG A 40 2.80 -21.30 5.26
C ARG A 40 1.41 -21.04 4.68
N GLY A 41 1.34 -20.23 3.63
CA GLY A 41 0.08 -19.91 3.00
C GLY A 41 0.25 -19.16 1.70
N THR A 42 -0.81 -18.47 1.24
CA THR A 42 -0.81 -17.67 0.00
C THR A 42 0.18 -16.53 0.06
N TYR A 43 0.45 -16.01 1.27
CA TYR A 43 1.42 -14.96 1.57
C TYR A 43 2.87 -15.44 1.42
N GLY A 44 3.10 -16.75 1.42
CA GLY A 44 4.43 -17.30 1.30
C GLY A 44 4.83 -18.13 2.51
N HIS A 45 6.06 -17.93 2.99
CA HIS A 45 6.58 -18.70 4.12
C HIS A 45 7.06 -17.78 5.22
N VAL A 46 6.65 -18.03 6.46
CA VAL A 46 7.12 -17.24 7.60
C VAL A 46 8.05 -18.11 8.46
N TYR A 47 9.17 -17.54 8.91
CA TYR A 47 10.16 -18.23 9.71
C TYR A 47 10.43 -17.48 11.00
N LYS A 48 10.83 -18.20 12.04
CA LYS A 48 11.30 -17.62 13.29
C LYS A 48 12.82 -17.59 13.09
N ALA A 49 13.38 -16.39 12.92
CA ALA A 49 14.80 -16.22 12.61
C ALA A 49 15.64 -15.66 13.77
N LYS A 50 16.96 -15.86 13.71
CA LYS A 50 17.93 -15.39 14.70
C LYS A 50 19.12 -14.79 13.94
N ARG A 51 19.68 -13.69 14.42
CA ARG A 51 20.81 -13.04 13.74
C ARG A 51 22.12 -13.82 13.81
N LYS A 52 22.78 -13.99 12.65
CA LYS A 52 24.05 -14.71 12.56
C LYS A 52 25.18 -13.99 13.28
N ASP A 53 25.10 -12.65 13.40
CA ASP A 53 26.16 -11.86 14.04
C ASP A 53 26.10 -11.85 15.57
N GLY A 54 25.00 -12.31 16.15
CA GLY A 54 24.85 -12.44 17.59
C GLY A 54 24.79 -11.17 18.42
N LYS A 55 24.91 -9.99 17.78
CA LYS A 55 24.82 -8.72 18.49
C LYS A 55 23.35 -8.34 18.67
N ASP A 56 22.52 -9.28 19.16
CA ASP A 56 21.09 -9.07 19.31
C ASP A 56 20.40 -10.03 20.29
N ASP A 57 20.39 -11.35 19.99
CA ASP A 57 19.70 -12.42 20.74
C ASP A 57 18.14 -12.38 20.58
N LYS A 58 17.62 -11.41 19.82
CA LYS A 58 16.19 -11.28 19.61
C LYS A 58 15.66 -12.27 18.58
N ASP A 59 14.35 -12.52 18.60
CA ASP A 59 13.69 -13.39 17.65
C ASP A 59 12.99 -12.53 16.58
N TYR A 60 13.08 -12.95 15.31
CA TYR A 60 12.47 -12.19 14.22
C TYR A 60 11.55 -13.04 13.39
N ALA A 61 10.55 -12.44 12.78
CA ALA A 61 9.68 -13.12 11.84
C ALA A 61 10.24 -12.75 10.48
N LEU A 62 10.60 -13.75 9.68
CA LEU A 62 11.20 -13.54 8.37
C LEU A 62 10.26 -14.12 7.33
N LYS A 63 9.73 -13.31 6.40
CA LYS A 63 8.80 -13.83 5.41
C LYS A 63 9.32 -13.84 3.98
N GLN A 64 9.36 -15.01 3.33
CA GLN A 64 9.68 -15.06 1.91
C GLN A 64 8.31 -14.97 1.22
N ILE A 65 8.10 -13.94 0.39
CA ILE A 65 6.83 -13.74 -0.30
C ILE A 65 6.60 -14.79 -1.38
N GLU A 66 5.35 -15.23 -1.53
CA GLU A 66 4.95 -16.23 -2.53
C GLU A 66 5.28 -15.79 -3.95
N GLY A 67 5.88 -16.68 -4.72
CA GLY A 67 6.24 -16.46 -6.13
C GLY A 67 7.47 -15.63 -6.35
N THR A 68 7.89 -15.50 -7.61
CA THR A 68 9.07 -14.68 -7.93
C THR A 68 8.69 -13.30 -8.47
N GLY A 69 9.49 -12.31 -8.16
CA GLY A 69 9.28 -10.94 -8.59
C GLY A 69 8.37 -10.14 -7.69
N ILE A 70 8.07 -8.90 -8.09
CA ILE A 70 7.19 -8.04 -7.30
C ILE A 70 5.76 -8.24 -7.79
N SER A 71 5.03 -9.13 -7.13
CA SER A 71 3.64 -9.41 -7.44
C SER A 71 2.79 -8.23 -6.98
N MET A 72 1.50 -8.17 -7.36
CA MET A 72 0.62 -7.11 -6.87
C MET A 72 0.54 -7.16 -5.33
N SER A 73 0.43 -8.37 -4.80
CA SER A 73 0.39 -8.67 -3.38
C SER A 73 1.66 -8.18 -2.69
N ALA A 74 2.86 -8.56 -3.19
CA ALA A 74 4.13 -8.13 -2.61
C ALA A 74 4.32 -6.63 -2.68
N CYS A 75 3.86 -6.05 -3.77
CA CYS A 75 3.91 -4.63 -4.06
C CYS A 75 3.12 -3.87 -3.02
N ARG A 76 1.90 -4.33 -2.74
CA ARG A 76 0.97 -3.74 -1.78
C ARG A 76 1.49 -3.80 -0.39
N GLU A 77 2.05 -4.96 0.02
CA GLU A 77 2.55 -5.08 1.38
C GLU A 77 3.75 -4.22 1.60
N ILE A 78 4.67 -4.19 0.64
CA ILE A 78 5.87 -3.37 0.75
C ILE A 78 5.48 -1.89 0.74
N ALA A 79 4.64 -1.47 -0.21
CA ALA A 79 4.27 -0.06 -0.30
C ALA A 79 3.56 0.43 0.94
N LEU A 80 2.62 -0.36 1.48
CA LEU A 80 1.86 0.06 2.66
C LEU A 80 2.67 -0.01 3.96
N LEU A 81 3.34 -1.15 4.22
CA LEU A 81 4.12 -1.32 5.43
C LEU A 81 5.24 -0.31 5.60
N ARG A 82 5.73 0.21 4.47
CA ARG A 82 6.79 1.20 4.40
C ARG A 82 6.31 2.56 4.96
N GLU A 83 5.01 2.84 4.88
CA GLU A 83 4.44 4.09 5.33
C GLU A 83 3.72 3.98 6.66
N LEU A 84 3.18 2.80 6.99
CA LEU A 84 2.40 2.64 8.22
C LEU A 84 3.25 2.58 9.50
N LYS A 85 2.87 3.38 10.51
CA LYS A 85 3.50 3.42 11.84
C LYS A 85 2.42 3.47 12.94
N HIS A 86 2.11 2.32 13.53
CA HIS A 86 1.14 2.21 14.61
C HIS A 86 1.53 1.06 15.52
N PRO A 87 1.39 1.20 16.85
CA PRO A 87 1.78 0.10 17.75
C PRO A 87 0.98 -1.21 17.58
N ASN A 88 -0.21 -1.12 16.98
CA ASN A 88 -1.04 -2.30 16.76
C ASN A 88 -0.99 -2.82 15.32
N VAL A 89 -0.01 -2.39 14.52
CA VAL A 89 0.19 -2.89 13.15
C VAL A 89 1.65 -3.36 13.08
N ILE A 90 1.89 -4.61 12.63
CA ILE A 90 3.25 -5.15 12.54
C ILE A 90 4.22 -4.22 11.79
N SER A 91 5.41 -3.96 12.34
CA SER A 91 6.37 -3.06 11.71
C SER A 91 7.36 -3.78 10.81
N LEU A 92 7.46 -3.31 9.55
CA LEU A 92 8.45 -3.83 8.61
C LEU A 92 9.79 -3.19 8.98
N GLN A 93 10.85 -3.99 9.11
CA GLN A 93 12.16 -3.46 9.47
C GLN A 93 13.08 -3.43 8.26
N LYS A 94 13.12 -4.52 7.48
CA LYS A 94 14.00 -4.63 6.32
C LYS A 94 13.33 -5.38 5.18
N VAL A 95 13.84 -5.19 3.96
CA VAL A 95 13.41 -5.87 2.75
C VAL A 95 14.68 -6.44 2.12
N PHE A 96 14.68 -7.73 1.75
CA PHE A 96 15.84 -8.32 1.09
C PHE A 96 15.42 -8.75 -0.29
N LEU A 97 16.17 -8.31 -1.31
CA LEU A 97 15.85 -8.67 -2.67
C LEU A 97 16.85 -9.67 -3.20
N SER A 98 16.49 -10.95 -3.11
CA SER A 98 17.33 -12.06 -3.57
C SER A 98 17.37 -12.05 -5.09
N HIS A 99 18.32 -11.31 -5.69
CA HIS A 99 18.47 -11.12 -7.14
C HIS A 99 18.61 -12.42 -7.93
N ALA A 100 19.40 -13.36 -7.39
CA ALA A 100 19.68 -14.66 -8.01
C ALA A 100 18.42 -15.50 -8.30
N ASP A 101 17.41 -15.45 -7.43
CA ASP A 101 16.19 -16.24 -7.61
C ASP A 101 14.88 -15.41 -7.65
N ARG A 102 15.01 -14.07 -7.68
N ARG A 102 14.99 -14.07 -7.69
CA ARG A 102 13.94 -13.08 -7.69
CA ARG A 102 13.86 -13.14 -7.72
C ARG A 102 12.98 -13.23 -6.51
C ARG A 102 12.96 -13.24 -6.49
N LYS A 103 13.46 -13.75 -5.37
CA LYS A 103 12.65 -13.90 -4.17
C LYS A 103 12.74 -12.66 -3.27
N VAL A 104 11.58 -12.25 -2.70
CA VAL A 104 11.54 -11.08 -1.84
C VAL A 104 11.29 -11.50 -0.40
N TRP A 105 12.18 -11.07 0.51
CA TRP A 105 12.05 -11.41 1.91
C TRP A 105 11.77 -10.16 2.74
N LEU A 106 10.96 -10.30 3.79
CA LEU A 106 10.61 -9.19 4.67
C LEU A 106 10.96 -9.51 6.12
N LEU A 107 11.64 -8.57 6.77
CA LEU A 107 12.04 -8.73 8.16
C LEU A 107 11.06 -8.02 9.08
N PHE A 108 10.64 -8.70 10.17
CA PHE A 108 9.70 -8.18 11.17
C PHE A 108 10.10 -8.66 12.59
N ASP A 109 9.61 -8.00 13.66
CA ASP A 109 9.80 -8.50 15.01
C ASP A 109 8.94 -9.79 15.15
N TYR A 110 9.37 -10.73 16.00
CA TYR A 110 8.67 -12.00 16.15
C TYR A 110 7.58 -11.98 17.22
N ALA A 111 6.33 -12.20 16.78
CA ALA A 111 5.16 -12.31 17.64
C ALA A 111 5.01 -13.78 17.96
N GLU A 112 5.31 -14.14 19.21
CA GLU A 112 5.24 -15.52 19.67
C GLU A 112 3.85 -16.11 19.50
N HIS A 113 2.82 -15.28 19.69
CA HIS A 113 1.43 -15.71 19.62
C HIS A 113 0.63 -15.03 18.50
N ASP A 114 -0.51 -15.63 18.15
CA ASP A 114 -1.48 -15.11 17.20
C ASP A 114 -2.86 -15.54 17.70
N LEU A 115 -3.95 -14.93 17.18
CA LEU A 115 -5.28 -15.24 17.67
C LEU A 115 -5.81 -16.59 17.26
N TRP A 116 -5.25 -17.20 16.21
CA TRP A 116 -5.68 -18.51 15.75
C TRP A 116 -5.20 -19.54 16.77
N HIS A 117 -3.92 -19.44 17.18
CA HIS A 117 -3.33 -20.37 18.11
C HIS A 117 -3.90 -20.24 19.53
N ILE A 118 -4.20 -19.01 19.98
CA ILE A 118 -4.80 -18.74 21.30
C ILE A 118 -6.24 -19.30 21.34
N ILE A 119 -7.04 -19.03 20.31
CA ILE A 119 -8.41 -19.51 20.20
C ILE A 119 -8.44 -21.03 20.12
N LYS A 120 -7.48 -21.64 19.42
CA LYS A 120 -7.42 -23.10 19.33
C LYS A 120 -7.12 -23.72 20.69
N PHE A 121 -6.24 -23.08 21.47
CA PHE A 121 -5.87 -23.53 22.80
C PHE A 121 -7.08 -23.59 23.71
N HIS A 122 -7.93 -22.55 23.66
CA HIS A 122 -9.16 -22.50 24.47
C HIS A 122 -10.15 -23.57 24.02
N ARG A 123 -10.31 -23.76 22.71
CA ARG A 123 -11.19 -24.77 22.14
C ARG A 123 -10.77 -26.18 22.55
N ALA A 124 -9.45 -26.43 22.62
CA ALA A 124 -8.94 -27.72 23.02
C ALA A 124 -9.28 -27.97 24.50
N SER A 125 -9.07 -26.94 25.35
CA SER A 125 -9.34 -26.99 26.79
C SER A 125 -10.78 -27.33 27.15
N LYS A 126 -11.74 -26.90 26.34
CA LYS A 126 -13.16 -27.18 26.58
C LYS A 126 -13.41 -28.68 26.40
N ALA A 127 -12.84 -29.26 25.33
CA ALA A 127 -12.99 -30.68 25.02
C ALA A 127 -12.31 -31.60 26.04
N ASN A 128 -11.29 -31.08 26.74
CA ASN A 128 -10.54 -31.83 27.74
C ASN A 128 -11.06 -31.51 29.15
N LEU A 134 -8.55 -17.06 29.88
CA LEU A 134 -8.99 -15.71 29.51
C LEU A 134 -9.08 -14.81 30.76
N PRO A 135 -7.95 -14.24 31.26
CA PRO A 135 -8.02 -13.34 32.43
C PRO A 135 -8.99 -12.17 32.22
N ARG A 136 -9.67 -11.70 33.28
CA ARG A 136 -10.65 -10.59 33.30
C ARG A 136 -10.99 -9.93 31.91
N GLY A 137 -10.11 -9.08 31.39
CA GLY A 137 -10.35 -8.39 30.13
C GLY A 137 -9.33 -8.67 29.05
N MET A 138 -8.94 -9.94 28.88
CA MET A 138 -8.03 -10.30 27.81
C MET A 138 -8.76 -10.21 26.48
N VAL A 139 -10.03 -10.65 26.42
CA VAL A 139 -10.87 -10.56 25.23
C VAL A 139 -11.11 -9.09 24.90
N LYS A 140 -11.45 -8.28 25.92
CA LYS A 140 -11.67 -6.85 25.74
C LYS A 140 -10.42 -6.12 25.27
N SER A 141 -9.26 -6.41 25.88
CA SER A 141 -8.00 -5.78 25.48
C SER A 141 -7.64 -6.17 24.03
N LEU A 142 -7.90 -7.43 23.64
CA LEU A 142 -7.64 -7.89 22.27
C LEU A 142 -8.55 -7.13 21.31
N LEU A 143 -9.84 -6.99 21.66
CA LEU A 143 -10.77 -6.22 20.83
C LEU A 143 -10.37 -4.76 20.66
N TYR A 144 -10.13 -4.02 21.77
CA TYR A 144 -9.71 -2.62 21.71
C TYR A 144 -8.47 -2.42 20.85
N GLN A 145 -7.49 -3.36 20.94
CA GLN A 145 -6.26 -3.23 20.17
C GLN A 145 -6.49 -3.55 18.70
N ILE A 146 -7.32 -4.56 18.39
CA ILE A 146 -7.68 -4.91 17.00
C ILE A 146 -8.36 -3.72 16.34
N LEU A 147 -9.30 -3.08 17.07
CA LEU A 147 -10.08 -1.91 16.65
C LEU A 147 -9.18 -0.71 16.44
N ASP A 148 -8.30 -0.43 17.41
CA ASP A 148 -7.31 0.65 17.37
C ASP A 148 -6.41 0.60 16.10
N GLY A 149 -5.88 -0.57 15.76
CA GLY A 149 -5.01 -0.74 14.60
C GLY A 149 -5.74 -0.56 13.28
N ILE A 150 -6.97 -1.15 13.17
CA ILE A 150 -7.83 -1.03 11.99
C ILE A 150 -8.29 0.40 11.80
N HIS A 151 -8.56 1.10 12.90
CA HIS A 151 -8.96 2.49 12.88
C HIS A 151 -7.86 3.36 12.23
N TYR A 152 -6.59 3.07 12.56
CA TYR A 152 -5.41 3.76 12.01
C TYR A 152 -5.27 3.47 10.50
N LEU A 153 -5.56 2.22 10.10
CA LEU A 153 -5.50 1.81 8.71
C LEU A 153 -6.62 2.53 7.96
N HIS A 154 -7.84 2.50 8.49
CA HIS A 154 -9.01 3.14 7.90
C HIS A 154 -8.87 4.67 7.84
N ALA A 155 -8.20 5.28 8.83
CA ALA A 155 -7.93 6.72 8.84
C ALA A 155 -7.05 7.05 7.62
N ASN A 156 -6.05 6.19 7.34
CA ASN A 156 -5.16 6.30 6.19
C ASN A 156 -5.73 5.61 4.94
N TRP A 157 -7.05 5.37 4.87
CA TRP A 157 -7.74 4.78 3.73
C TRP A 157 -7.16 3.46 3.24
N VAL A 158 -6.72 2.63 4.18
CA VAL A 158 -6.15 1.32 3.90
C VAL A 158 -7.11 0.27 4.44
N LEU A 159 -7.57 -0.61 3.56
CA LEU A 159 -8.44 -1.69 3.98
C LEU A 159 -7.59 -2.94 4.18
N HIS A 160 -7.90 -3.76 5.19
CA HIS A 160 -7.17 -4.99 5.40
C HIS A 160 -7.57 -5.97 4.31
N ARG A 161 -8.88 -6.09 4.04
CA ARG A 161 -9.49 -6.96 3.03
C ARG A 161 -9.54 -8.43 3.41
N ASP A 162 -8.84 -8.87 4.47
CA ASP A 162 -8.82 -10.29 4.82
C ASP A 162 -8.61 -10.58 6.30
N LEU A 163 -9.09 -9.72 7.17
CA LEU A 163 -8.97 -9.91 8.62
C LEU A 163 -9.49 -11.29 9.07
N LYS A 164 -8.67 -11.97 9.87
CA LYS A 164 -8.95 -13.29 10.44
C LYS A 164 -7.98 -13.56 11.60
N PRO A 165 -8.32 -14.48 12.53
CA PRO A 165 -7.47 -14.68 13.71
C PRO A 165 -5.98 -14.96 13.44
N ALA A 166 -5.67 -15.68 12.35
CA ALA A 166 -4.28 -16.03 12.08
C ALA A 166 -3.42 -14.79 11.83
N ASN A 167 -3.96 -13.75 11.17
CA ASN A 167 -3.19 -12.52 10.93
C ASN A 167 -3.43 -11.42 12.01
N ILE A 168 -3.80 -11.82 13.23
CA ILE A 168 -3.92 -10.91 14.36
C ILE A 168 -2.90 -11.45 15.33
N LEU A 169 -1.65 -11.03 15.18
CA LEU A 169 -0.57 -11.50 16.03
C LEU A 169 -0.59 -10.81 17.41
N VAL A 170 0.02 -11.45 18.41
CA VAL A 170 0.11 -10.96 19.79
C VAL A 170 1.50 -11.25 20.30
N MET A 171 2.24 -10.22 20.71
CA MET A 171 3.60 -10.38 21.20
C MET A 171 3.70 -11.14 22.53
N GLY A 172 4.72 -11.98 22.66
CA GLY A 172 4.97 -12.75 23.87
C GLY A 172 5.90 -11.99 24.81
N GLU A 173 6.71 -12.70 25.64
CA GLU A 173 7.63 -12.04 26.58
C GLU A 173 8.57 -11.08 25.88
N GLY A 174 8.76 -9.90 26.47
CA GLY A 174 9.59 -8.86 25.89
C GLY A 174 9.05 -7.47 26.14
N PRO A 175 9.68 -6.45 25.54
CA PRO A 175 9.23 -5.07 25.78
C PRO A 175 7.86 -4.72 25.22
N GLU A 176 7.32 -5.53 24.30
CA GLU A 176 5.99 -5.28 23.75
C GLU A 176 5.01 -6.38 24.18
N ARG A 177 5.24 -7.00 25.35
CA ARG A 177 4.41 -8.10 25.86
C ARG A 177 2.90 -7.86 25.76
N GLY A 178 2.20 -8.87 25.24
CA GLY A 178 0.76 -8.86 25.07
C GLY A 178 0.19 -7.78 24.17
N ARG A 179 0.96 -7.34 23.15
CA ARG A 179 0.46 -6.30 22.25
C ARG A 179 0.02 -6.87 20.93
N VAL A 180 -1.12 -6.43 20.43
CA VAL A 180 -1.65 -6.90 19.16
C VAL A 180 -0.91 -6.27 17.99
N LYS A 181 -0.65 -7.05 16.95
CA LYS A 181 0.02 -6.62 15.74
C LYS A 181 -0.78 -7.18 14.58
N ILE A 182 -1.41 -6.32 13.80
CA ILE A 182 -2.17 -6.74 12.64
C ILE A 182 -1.16 -7.07 11.54
N ALA A 183 -1.33 -8.20 10.87
CA ALA A 183 -0.39 -8.67 9.85
C ALA A 183 -1.08 -8.91 8.48
N ASP A 184 -0.26 -9.01 7.41
CA ASP A 184 -0.63 -9.25 6.02
C ASP A 184 -1.37 -8.10 5.37
N MET A 185 -0.63 -7.11 4.89
CA MET A 185 -1.23 -6.01 4.12
C MET A 185 -1.17 -6.27 2.60
N GLY A 186 -0.85 -7.50 2.20
CA GLY A 186 -0.68 -7.87 0.82
C GLY A 186 -1.87 -8.47 0.13
N PHE A 187 -3.10 -8.29 0.67
CA PHE A 187 -4.28 -8.80 -0.02
C PHE A 187 -4.68 -7.76 -1.06
N ALA A 188 -3.97 -7.78 -2.19
CA ALA A 188 -4.23 -6.84 -3.28
C ALA A 188 -5.37 -7.34 -4.16
N ARG A 189 -6.11 -6.40 -4.76
CA ARG A 189 -7.21 -6.73 -5.67
C ARG A 189 -7.16 -5.81 -6.92
N LEU A 190 -7.96 -6.12 -7.96
CA LEU A 190 -8.01 -5.27 -9.16
C LEU A 190 -9.31 -4.45 -9.20
N VAL A 206 -10.58 -21.23 0.44
CA VAL A 206 -11.87 -21.93 0.45
C VAL A 206 -12.73 -21.67 1.70
N THR A 207 -12.26 -20.83 2.64
CA THR A 207 -13.00 -20.52 3.86
C THR A 207 -13.48 -19.05 3.84
N PHE A 208 -14.77 -18.83 4.12
CA PHE A 208 -15.34 -17.48 4.08
C PHE A 208 -16.02 -17.12 5.42
N TRP A 209 -15.57 -17.72 6.54
CA TRP A 209 -16.18 -17.46 7.85
C TRP A 209 -16.15 -16.00 8.27
N TYR A 210 -15.24 -15.22 7.71
CA TYR A 210 -15.06 -13.80 8.05
C TYR A 210 -15.50 -12.86 6.94
N ARG A 211 -16.07 -13.39 5.84
CA ARG A 211 -16.52 -12.55 4.75
C ARG A 211 -17.93 -12.03 5.04
N ALA A 212 -18.06 -10.70 4.96
CA ALA A 212 -19.30 -9.99 5.19
C ALA A 212 -20.41 -10.51 4.25
N PRO A 213 -21.69 -10.44 4.67
CA PRO A 213 -22.76 -10.97 3.80
C PRO A 213 -22.82 -10.29 2.44
N GLU A 214 -22.49 -9.01 2.35
CA GLU A 214 -22.53 -8.28 1.09
C GLU A 214 -21.52 -8.84 0.10
N LEU A 215 -20.34 -9.27 0.57
CA LEU A 215 -19.35 -9.88 -0.31
C LEU A 215 -19.87 -11.18 -0.87
N LEU A 216 -20.54 -11.99 -0.04
CA LEU A 216 -21.16 -13.25 -0.47
C LEU A 216 -22.31 -13.05 -1.46
N LEU A 217 -22.77 -11.81 -1.65
CA LEU A 217 -23.83 -11.48 -2.58
C LEU A 217 -23.32 -10.69 -3.81
N GLY A 218 -22.02 -10.81 -4.09
CA GLY A 218 -21.41 -10.20 -5.26
C GLY A 218 -21.14 -8.72 -5.18
N ALA A 219 -20.84 -8.18 -3.97
CA ALA A 219 -20.45 -6.76 -3.85
C ALA A 219 -19.14 -6.57 -4.61
N ARG A 220 -19.07 -5.56 -5.46
CA ARG A 220 -17.91 -5.37 -6.34
C ARG A 220 -16.75 -4.58 -5.72
N HIS A 221 -16.82 -4.20 -4.43
CA HIS A 221 -15.74 -3.42 -3.82
C HIS A 221 -15.49 -3.79 -2.37
N TYR A 222 -14.26 -3.61 -1.92
CA TYR A 222 -13.94 -3.77 -0.51
C TYR A 222 -14.17 -2.42 0.15
N THR A 223 -14.75 -2.42 1.36
CA THR A 223 -15.03 -1.21 2.12
C THR A 223 -14.55 -1.36 3.58
N LYS A 224 -14.61 -0.29 4.39
CA LYS A 224 -14.23 -0.34 5.79
C LYS A 224 -15.16 -1.31 6.56
N ALA A 225 -16.47 -1.28 6.25
CA ALA A 225 -17.47 -2.14 6.89
C ALA A 225 -17.20 -3.62 6.69
N ILE A 226 -16.46 -3.99 5.63
CA ILE A 226 -16.10 -5.38 5.42
C ILE A 226 -15.10 -5.80 6.51
N ASP A 227 -14.13 -4.92 6.84
CA ASP A 227 -13.19 -5.18 7.92
C ASP A 227 -13.89 -5.15 9.27
N ILE A 228 -14.90 -4.28 9.43
CA ILE A 228 -15.68 -4.19 10.66
C ILE A 228 -16.48 -5.46 10.87
N TRP A 229 -17.08 -6.04 9.79
CA TRP A 229 -17.81 -7.31 9.90
C TRP A 229 -16.89 -8.39 10.44
N ALA A 230 -15.67 -8.46 9.86
CA ALA A 230 -14.61 -9.41 10.22
C ALA A 230 -14.20 -9.30 11.69
N ILE A 231 -14.09 -8.07 12.21
CA ILE A 231 -13.77 -7.81 13.62
C ILE A 231 -14.85 -8.38 14.54
N GLY A 232 -16.11 -8.30 14.10
CA GLY A 232 -17.25 -8.85 14.81
C GLY A 232 -17.16 -10.37 14.90
N CYS A 233 -16.77 -11.05 13.81
CA CYS A 233 -16.59 -12.51 13.83
C CYS A 233 -15.49 -12.90 14.79
N ILE A 234 -14.41 -12.11 14.86
CA ILE A 234 -13.33 -12.41 15.79
C ILE A 234 -13.82 -12.17 17.22
N PHE A 235 -14.58 -11.10 17.45
CA PHE A 235 -15.12 -10.80 18.78
C PHE A 235 -16.04 -11.93 19.26
N ALA A 236 -16.89 -12.47 18.38
CA ALA A 236 -17.77 -13.60 18.76
C ALA A 236 -16.95 -14.87 18.99
N GLU A 237 -15.85 -15.06 18.25
CA GLU A 237 -14.97 -16.20 18.43
C GLU A 237 -14.14 -16.08 19.72
N LEU A 238 -13.83 -14.86 20.15
CA LEU A 238 -13.10 -14.64 21.40
C LEU A 238 -14.07 -14.86 22.59
N LEU A 239 -15.34 -14.47 22.42
CA LEU A 239 -16.31 -14.62 23.49
C LEU A 239 -16.80 -16.04 23.68
N THR A 240 -16.81 -16.86 22.62
CA THR A 240 -17.36 -18.23 22.73
C THR A 240 -16.38 -19.37 22.50
N SER A 241 -15.26 -19.09 21.79
CA SER A 241 -14.20 -20.00 21.32
C SER A 241 -14.53 -20.67 19.96
N GLU A 242 -15.78 -20.54 19.50
CA GLU A 242 -16.24 -21.13 18.25
C GLU A 242 -16.30 -20.09 17.16
N PRO A 243 -15.94 -20.43 15.91
CA PRO A 243 -16.12 -19.47 14.82
C PRO A 243 -17.63 -19.30 14.61
N ILE A 244 -18.13 -18.07 14.83
CA ILE A 244 -19.57 -17.81 14.76
C ILE A 244 -20.19 -18.23 13.43
N PHE A 245 -19.49 -18.02 12.32
CA PHE A 245 -20.00 -18.40 11.02
C PHE A 245 -19.24 -19.61 10.46
N HIS A 246 -18.94 -20.58 11.33
CA HIS A 246 -18.26 -21.82 10.96
C HIS A 246 -19.11 -22.62 9.99
N CYS A 247 -18.61 -22.76 8.80
CA CYS A 247 -19.28 -23.45 7.71
C CYS A 247 -18.33 -24.50 7.10
N ARG A 248 -18.91 -25.60 6.58
CA ARG A 248 -18.10 -26.65 5.95
C ARG A 248 -17.49 -26.21 4.62
N GLN A 249 -16.44 -26.91 4.16
CA GLN A 249 -15.75 -26.52 2.93
C GLN A 249 -16.59 -26.71 1.67
N SER A 255 -14.62 -19.72 -6.04
CA SER A 255 -14.64 -19.45 -7.49
C SER A 255 -15.84 -18.54 -7.83
N ASN A 256 -17.06 -19.02 -7.51
CA ASN A 256 -18.31 -18.29 -7.68
C ASN A 256 -18.36 -17.28 -6.52
N PRO A 257 -18.60 -15.98 -6.79
CA PRO A 257 -18.63 -15.00 -5.68
C PRO A 257 -19.78 -15.16 -4.68
N TYR A 258 -20.71 -16.08 -4.95
CA TYR A 258 -21.87 -16.41 -4.14
C TYR A 258 -21.66 -17.78 -3.46
N HIS A 259 -21.77 -17.83 -2.13
CA HIS A 259 -21.58 -19.07 -1.38
C HIS A 259 -22.80 -19.40 -0.54
N HIS A 260 -23.53 -20.46 -0.92
CA HIS A 260 -24.78 -20.86 -0.27
C HIS A 260 -24.62 -21.35 1.16
N ASP A 261 -23.78 -22.36 1.38
CA ASP A 261 -23.59 -22.95 2.71
C ASP A 261 -23.13 -21.92 3.74
N GLN A 262 -22.34 -20.92 3.30
CA GLN A 262 -21.89 -19.85 4.20
C GLN A 262 -23.00 -18.87 4.52
N LEU A 263 -23.77 -18.43 3.49
CA LEU A 263 -24.90 -17.53 3.67
C LEU A 263 -25.94 -18.17 4.57
N ASP A 264 -26.20 -19.48 4.39
CA ASP A 264 -27.11 -20.24 5.24
C ASP A 264 -26.64 -20.20 6.70
N ARG A 265 -25.32 -20.36 6.95
CA ARG A 265 -24.73 -20.33 8.30
C ARG A 265 -24.89 -18.95 8.94
N ILE A 266 -24.76 -17.88 8.12
CA ILE A 266 -24.95 -16.51 8.60
C ILE A 266 -26.40 -16.34 9.08
N PHE A 267 -27.37 -16.81 8.29
CA PHE A 267 -28.79 -16.69 8.64
C PHE A 267 -29.19 -17.60 9.81
N ASN A 268 -28.47 -18.71 10.03
CA ASN A 268 -28.75 -19.58 11.19
C ASN A 268 -28.39 -18.85 12.51
N VAL A 269 -27.40 -17.96 12.45
CA VAL A 269 -26.98 -17.21 13.61
C VAL A 269 -27.75 -15.88 13.70
N MET A 270 -27.73 -15.06 12.63
CA MET A 270 -28.35 -13.74 12.61
C MET A 270 -29.83 -13.72 12.41
N GLY A 271 -30.30 -14.59 11.53
CA GLY A 271 -31.67 -14.64 11.03
C GLY A 271 -31.73 -14.06 9.62
N PHE A 272 -32.91 -14.13 8.98
CA PHE A 272 -33.03 -13.57 7.63
C PHE A 272 -33.25 -12.06 7.73
N PRO A 273 -32.41 -11.27 7.04
CA PRO A 273 -32.54 -9.82 7.12
C PRO A 273 -33.83 -9.31 6.55
N ALA A 274 -34.60 -8.59 7.37
CA ALA A 274 -35.85 -7.99 6.92
C ALA A 274 -35.56 -6.92 5.85
N ASP A 275 -36.57 -6.55 5.06
CA ASP A 275 -36.44 -5.51 4.02
C ASP A 275 -35.96 -4.18 4.65
N LYS A 276 -36.53 -3.85 5.81
CA LYS A 276 -36.22 -2.65 6.58
C LYS A 276 -34.83 -2.68 7.22
N ASP A 277 -34.26 -3.88 7.43
CA ASP A 277 -32.94 -4.07 8.05
C ASP A 277 -31.76 -3.89 7.10
N TRP A 278 -32.01 -3.99 5.79
CA TRP A 278 -31.02 -3.87 4.74
C TRP A 278 -31.82 -3.60 3.47
N GLU A 279 -32.19 -2.34 3.23
CA GLU A 279 -33.00 -1.96 2.06
C GLU A 279 -32.25 -2.19 0.74
N ASP A 280 -30.93 -1.93 0.70
CA ASP A 280 -30.15 -2.13 -0.52
C ASP A 280 -29.76 -3.58 -0.77
N ILE A 281 -30.36 -4.55 -0.07
CA ILE A 281 -30.08 -5.96 -0.36
C ILE A 281 -30.60 -6.28 -1.78
N LYS A 282 -31.72 -5.64 -2.19
CA LYS A 282 -32.32 -5.73 -3.52
C LYS A 282 -31.32 -5.34 -4.60
N LYS A 283 -30.46 -4.34 -4.30
CA LYS A 283 -29.44 -3.81 -5.21
C LYS A 283 -28.23 -4.74 -5.39
N MET A 284 -28.07 -5.78 -4.55
CA MET A 284 -26.94 -6.71 -4.68
C MET A 284 -27.07 -7.53 -5.94
N PRO A 285 -25.94 -7.79 -6.63
CA PRO A 285 -25.99 -8.63 -7.85
C PRO A 285 -26.60 -10.01 -7.66
N GLU A 286 -26.36 -10.67 -6.51
CA GLU A 286 -26.89 -12.01 -6.27
C GLU A 286 -28.18 -12.02 -5.43
N HIS A 287 -28.91 -10.91 -5.42
CA HIS A 287 -30.15 -10.84 -4.64
C HIS A 287 -31.22 -11.81 -5.12
N SER A 288 -31.48 -11.90 -6.45
CA SER A 288 -32.50 -12.83 -6.93
C SER A 288 -32.08 -14.31 -6.81
N THR A 289 -30.78 -14.58 -6.67
CA THR A 289 -30.27 -15.93 -6.41
C THR A 289 -30.58 -16.30 -4.95
N LEU A 290 -30.42 -15.33 -4.03
CA LEU A 290 -30.70 -15.44 -2.61
C LEU A 290 -32.19 -15.67 -2.40
N MET A 291 -33.06 -14.97 -3.16
CA MET A 291 -34.50 -15.16 -3.06
C MET A 291 -34.92 -16.53 -3.56
N LYS A 292 -34.27 -17.02 -4.60
CA LYS A 292 -34.56 -18.33 -5.15
C LYS A 292 -34.10 -19.46 -4.20
N ASP A 293 -32.90 -19.33 -3.62
CA ASP A 293 -32.31 -20.35 -2.75
C ASP A 293 -32.77 -20.34 -1.30
N PHE A 294 -33.21 -19.19 -0.77
CA PHE A 294 -33.55 -19.09 0.65
C PHE A 294 -34.98 -18.65 0.94
N ARG A 295 -35.48 -18.96 2.15
CA ARG A 295 -36.80 -18.54 2.56
C ARG A 295 -36.74 -17.98 3.96
N ARG A 296 -37.32 -16.78 4.15
CA ARG A 296 -37.31 -16.08 5.43
C ARG A 296 -37.71 -16.94 6.64
N ASN A 297 -38.75 -17.78 6.49
CA ASN A 297 -39.27 -18.62 7.57
C ASN A 297 -38.31 -19.74 8.04
N THR A 298 -37.34 -20.14 7.20
CA THR A 298 -36.37 -21.18 7.60
C THR A 298 -35.60 -20.77 8.89
N TYR A 299 -35.33 -19.46 9.01
CA TYR A 299 -34.57 -18.81 10.06
C TYR A 299 -35.51 -17.93 10.88
N THR A 300 -36.68 -18.46 11.25
CA THR A 300 -37.67 -17.66 11.98
C THR A 300 -37.29 -17.48 13.45
N ASN A 301 -36.72 -18.50 14.10
CA ASN A 301 -36.30 -18.35 15.49
C ASN A 301 -34.78 -18.10 15.60
N CYS A 302 -34.17 -17.52 14.54
CA CYS A 302 -32.74 -17.27 14.50
C CYS A 302 -32.45 -15.84 14.80
N SER A 303 -31.58 -15.63 15.78
CA SER A 303 -31.15 -14.29 16.20
C SER A 303 -29.74 -14.38 16.79
N LEU A 304 -29.03 -13.24 16.85
CA LEU A 304 -27.72 -13.22 17.49
C LEU A 304 -27.90 -13.46 19.01
N ILE A 305 -29.01 -12.93 19.59
CA ILE A 305 -29.39 -13.10 20.98
C ILE A 305 -29.41 -14.57 21.38
N LYS A 306 -30.19 -15.40 20.66
CA LYS A 306 -30.34 -16.82 20.94
C LYS A 306 -29.04 -17.58 20.77
N TYR A 307 -28.20 -17.16 19.81
CA TYR A 307 -26.90 -17.79 19.58
C TYR A 307 -25.96 -17.53 20.77
N MET A 308 -25.86 -16.26 21.19
CA MET A 308 -24.99 -15.91 22.31
C MET A 308 -25.52 -16.41 23.65
N GLU A 309 -26.84 -16.59 23.79
CA GLU A 309 -27.42 -17.13 25.01
C GLU A 309 -26.97 -18.58 25.19
N LYS A 310 -26.97 -19.36 24.08
CA LYS A 310 -26.49 -20.75 24.06
C LYS A 310 -25.00 -20.81 24.43
N HIS A 311 -24.23 -19.83 23.96
CA HIS A 311 -22.81 -19.78 24.24
C HIS A 311 -22.46 -18.95 25.48
N LYS A 312 -23.39 -18.91 26.44
CA LYS A 312 -23.31 -18.25 27.74
C LYS A 312 -22.72 -16.84 27.70
N VAL A 313 -23.33 -15.96 26.91
CA VAL A 313 -22.97 -14.54 26.79
C VAL A 313 -24.27 -13.75 26.98
N LYS A 314 -24.39 -13.03 28.09
CA LYS A 314 -25.62 -12.31 28.41
C LYS A 314 -25.99 -11.26 27.37
N PRO A 315 -27.21 -11.37 26.81
CA PRO A 315 -27.64 -10.40 25.79
C PRO A 315 -27.81 -8.98 26.32
N ASP A 316 -28.00 -8.81 27.64
CA ASP A 316 -28.11 -7.47 28.21
C ASP A 316 -26.72 -6.89 28.58
N SER A 317 -25.62 -7.60 28.29
CA SER A 317 -24.28 -7.11 28.58
C SER A 317 -23.84 -6.03 27.59
N LYS A 318 -22.88 -5.18 27.99
CA LYS A 318 -22.34 -4.17 27.08
C LYS A 318 -21.48 -4.82 25.97
N ALA A 319 -20.95 -6.03 26.23
CA ALA A 319 -20.18 -6.83 25.27
C ALA A 319 -21.13 -7.31 24.16
N PHE A 320 -22.39 -7.70 24.52
CA PHE A 320 -23.35 -8.14 23.49
C PHE A 320 -23.76 -6.99 22.57
N HIS A 321 -24.20 -5.88 23.14
CA HIS A 321 -24.60 -4.71 22.37
C HIS A 321 -23.50 -4.22 21.40
N LEU A 322 -22.23 -4.24 21.83
CA LEU A 322 -21.14 -3.85 20.94
C LEU A 322 -20.99 -4.87 19.82
N LEU A 323 -21.02 -6.18 20.17
CA LEU A 323 -20.89 -7.28 19.20
C LEU A 323 -21.95 -7.15 18.11
N GLN A 324 -23.18 -6.85 18.52
CA GLN A 324 -24.33 -6.69 17.64
C GLN A 324 -24.19 -5.53 16.68
N LYS A 325 -23.53 -4.46 17.14
CA LYS A 325 -23.31 -3.28 16.30
C LYS A 325 -22.24 -3.51 15.26
N LEU A 326 -21.29 -4.45 15.51
CA LEU A 326 -20.26 -4.84 14.56
C LEU A 326 -20.86 -5.86 13.59
N LEU A 327 -21.67 -6.82 14.10
CA LEU A 327 -22.29 -7.84 13.25
C LEU A 327 -23.66 -7.40 12.71
N THR A 328 -23.70 -6.30 11.98
CA THR A 328 -24.92 -5.82 11.36
C THR A 328 -24.89 -6.28 9.93
N MET A 329 -25.98 -6.84 9.41
CA MET A 329 -26.03 -7.34 8.05
C MET A 329 -25.74 -6.24 7.02
N ASP A 330 -26.42 -5.08 7.17
CA ASP A 330 -26.26 -3.95 6.26
C ASP A 330 -24.95 -3.23 6.50
N PRO A 331 -24.06 -3.21 5.47
CA PRO A 331 -22.79 -2.51 5.63
C PRO A 331 -22.94 -1.04 6.00
N ILE A 332 -23.97 -0.34 5.48
CA ILE A 332 -24.16 1.07 5.83
C ILE A 332 -24.71 1.22 7.26
N LYS A 333 -25.40 0.21 7.80
CA LYS A 333 -25.91 0.27 9.18
C LYS A 333 -24.89 -0.32 10.20
N ARG A 334 -23.64 -0.58 9.77
CA ARG A 334 -22.61 -1.17 10.59
C ARG A 334 -21.79 -0.06 11.21
N ILE A 335 -21.47 -0.19 12.49
CA ILE A 335 -20.69 0.80 13.23
C ILE A 335 -19.28 1.00 12.62
N THR A 336 -18.61 2.08 13.00
CA THR A 336 -17.23 2.31 12.54
C THR A 336 -16.26 1.90 13.66
N SER A 337 -14.98 1.71 13.33
CA SER A 337 -13.98 1.34 14.33
C SER A 337 -13.75 2.47 15.35
N GLU A 338 -13.90 3.73 14.93
CA GLU A 338 -13.78 4.90 15.78
C GLU A 338 -14.93 4.84 16.79
N GLN A 339 -16.17 4.57 16.31
CA GLN A 339 -17.39 4.44 17.10
C GLN A 339 -17.35 3.25 18.04
N ALA A 340 -16.75 2.14 17.61
CA ALA A 340 -16.61 0.96 18.44
C ALA A 340 -15.69 1.28 19.61
N MET A 341 -14.57 1.99 19.36
CA MET A 341 -13.62 2.38 20.41
C MET A 341 -14.24 3.28 21.49
N GLN A 342 -15.26 4.07 21.09
CA GLN A 342 -15.98 4.90 22.05
C GLN A 342 -17.12 4.18 22.75
N ASP A 343 -17.32 2.88 22.51
CA ASP A 343 -18.40 2.15 23.17
C ASP A 343 -18.25 2.15 24.71
N PRO A 344 -19.34 2.26 25.49
CA PRO A 344 -19.22 2.24 26.94
C PRO A 344 -18.67 0.94 27.52
N TYR A 345 -18.64 -0.16 26.72
CA TYR A 345 -18.09 -1.46 27.10
C TYR A 345 -16.64 -1.32 27.51
N PHE A 346 -15.87 -0.45 26.80
CA PHE A 346 -14.47 -0.18 27.11
C PHE A 346 -14.28 0.66 28.38
N LEU A 347 -15.35 1.34 28.86
CA LEU A 347 -15.37 2.11 30.10
C LEU A 347 -15.78 1.22 31.31
N GLU A 348 -16.53 0.13 31.05
CA GLU A 348 -16.99 -0.84 32.03
C GLU A 348 -15.79 -1.63 32.59
N ASP A 349 -15.84 -2.01 33.86
CA ASP A 349 -14.74 -2.76 34.48
C ASP A 349 -14.70 -4.19 33.92
N PRO A 350 -13.52 -4.73 33.58
CA PRO A 350 -12.18 -4.09 33.64
C PRO A 350 -11.84 -3.23 32.42
N LEU A 351 -10.94 -2.24 32.56
CA LEU A 351 -10.54 -1.44 31.41
C LEU A 351 -9.61 -2.28 30.52
N PRO A 352 -9.54 -2.00 29.21
CA PRO A 352 -8.57 -2.70 28.37
C PRO A 352 -7.14 -2.37 28.81
N THR A 353 -6.24 -3.33 28.72
CA THR A 353 -4.84 -3.11 29.07
C THR A 353 -3.95 -3.09 27.83
N SER A 354 -2.79 -2.45 27.95
CA SER A 354 -1.82 -2.44 26.85
C SER A 354 -1.15 -3.82 26.65
N ASP A 355 -1.24 -4.68 27.66
CA ASP A 355 -0.75 -6.04 27.65
C ASP A 355 -2.03 -6.90 27.84
N VAL A 356 -2.49 -7.56 26.77
CA VAL A 356 -3.70 -8.38 26.84
C VAL A 356 -3.61 -9.47 27.90
N PHE A 357 -2.40 -9.93 28.22
CA PHE A 357 -2.21 -10.96 29.24
C PHE A 357 -2.24 -10.41 30.68
N ALA A 358 -2.07 -9.07 30.84
CA ALA A 358 -2.06 -8.31 32.07
C ALA A 358 -1.29 -8.98 33.23
N GLY A 359 0.04 -9.08 33.06
CA GLY A 359 0.94 -9.67 34.06
C GLY A 359 0.93 -11.18 34.16
N CYS A 360 -0.27 -11.80 34.07
CA CYS A 360 -0.57 -13.24 34.16
C CYS A 360 0.36 -14.09 33.31
N GLN A 361 0.89 -15.18 33.87
CA GLN A 361 1.81 -16.07 33.15
C GLN A 361 1.11 -16.67 31.93
N ILE A 362 1.52 -16.26 30.69
CA ILE A 362 0.98 -16.73 29.41
C ILE A 362 0.92 -18.25 29.37
N PRO A 363 -0.28 -18.85 29.44
CA PRO A 363 -0.36 -20.32 29.46
C PRO A 363 -0.09 -20.99 28.10
N TYR A 364 -0.26 -20.23 27.03
CA TYR A 364 -0.11 -20.64 25.63
C TYR A 364 1.29 -21.11 25.31
N PRO A 365 1.42 -22.29 24.71
CA PRO A 365 2.76 -22.76 24.32
C PRO A 365 3.32 -21.96 23.14
N LYS A 366 4.64 -21.90 23.03
CA LYS A 366 5.28 -21.20 21.92
C LYS A 366 4.93 -21.87 20.59
N ARG A 367 5.00 -21.11 19.47
CA ARG A 367 4.62 -21.62 18.14
C ARG A 367 5.50 -22.80 17.63
N GLU A 368 4.84 -23.91 17.23
CA GLU A 368 5.51 -25.10 16.74
C GLU A 368 5.89 -24.97 15.25
N PHE A 369 7.03 -25.55 14.85
CA PHE A 369 7.54 -25.48 13.49
C PHE A 369 6.81 -26.40 12.47
N LEU A 370 7.12 -26.26 11.16
CA LEU A 370 6.56 -27.00 10.03
C LEU A 370 7.69 -27.69 9.21
N THR A 371 7.33 -28.57 8.23
CA THR A 371 8.30 -29.23 7.36
C THR A 371 7.86 -29.10 5.88
N GLU A 372 8.74 -28.53 5.04
CA GLU A 372 8.43 -28.32 3.63
C GLU A 372 9.37 -29.12 2.72
N ALA B 30 -5.59 5.66 -0.19
CA ALA B 30 -4.60 4.95 0.61
C ALA B 30 -3.40 5.86 0.91
N MET B 31 -3.18 6.15 2.21
CA MET B 31 -2.18 7.06 2.77
C MET B 31 -2.45 8.42 2.18
N ALA B 32 -3.58 9.02 2.56
CA ALA B 32 -3.98 10.28 1.94
C ALA B 32 -3.48 11.53 2.70
N GLY B 33 -3.84 11.69 3.97
CA GLY B 33 -3.37 12.84 4.74
C GLY B 33 -2.13 12.52 5.55
N ASN B 34 -1.35 11.50 5.12
CA ASN B 34 -0.16 11.07 5.84
C ASN B 34 1.13 11.74 5.34
N PHE B 35 1.04 12.83 4.57
CA PHE B 35 2.24 13.44 4.00
C PHE B 35 3.35 13.75 5.01
N TRP B 36 3.06 14.45 6.11
CA TRP B 36 4.10 14.83 7.07
C TRP B 36 4.72 13.64 7.85
N GLN B 37 4.13 12.45 7.73
N GLN B 37 4.13 12.46 7.73
CA GLN B 37 4.68 11.26 8.37
CA GLN B 37 4.66 11.24 8.37
C GLN B 37 5.04 10.16 7.33
C GLN B 37 5.05 10.16 7.33
N SER B 38 5.09 10.52 6.03
CA SER B 38 5.36 9.60 4.92
C SER B 38 6.82 9.45 4.57
N SER B 39 7.21 8.33 3.91
CA SER B 39 8.58 8.15 3.45
C SER B 39 8.94 9.25 2.43
N HIS B 40 7.96 9.66 1.60
CA HIS B 40 8.06 10.73 0.61
C HIS B 40 8.60 12.01 1.27
N TYR B 41 7.99 12.46 2.37
CA TYR B 41 8.43 13.66 3.05
C TYR B 41 9.73 13.47 3.82
N LEU B 42 9.82 12.39 4.61
CA LEU B 42 10.97 12.16 5.47
C LEU B 42 12.25 11.79 4.73
N GLN B 43 12.16 11.23 3.52
CA GLN B 43 13.35 10.82 2.77
C GLN B 43 13.47 11.37 1.36
N TRP B 44 12.34 11.67 0.68
CA TRP B 44 12.40 12.08 -0.70
C TRP B 44 12.01 13.54 -1.02
N ILE B 45 12.26 14.46 -0.07
CA ILE B 45 12.17 15.90 -0.25
C ILE B 45 13.62 16.29 -0.03
N LEU B 46 14.37 16.35 -1.13
CA LEU B 46 15.81 16.55 -1.10
C LEU B 46 16.25 18.00 -1.01
N ASP B 47 17.52 18.21 -0.59
CA ASP B 47 18.14 19.53 -0.50
C ASP B 47 18.69 19.86 -1.89
N LYS B 48 18.39 21.06 -2.39
CA LYS B 48 18.84 21.45 -3.73
C LYS B 48 20.36 21.37 -3.91
N GLN B 49 21.15 21.82 -2.91
CA GLN B 49 22.61 21.73 -3.02
C GLN B 49 23.08 20.28 -3.00
N ASP B 50 22.42 19.41 -2.22
CA ASP B 50 22.75 17.97 -2.19
C ASP B 50 22.48 17.37 -3.58
N LEU B 51 21.36 17.74 -4.19
CA LEU B 51 20.92 17.30 -5.51
C LEU B 51 21.91 17.71 -6.63
N LEU B 52 22.35 18.99 -6.62
CA LEU B 52 23.29 19.53 -7.61
C LEU B 52 24.66 18.90 -7.46
N LYS B 53 25.08 18.64 -6.22
CA LYS B 53 26.35 18.03 -5.89
C LYS B 53 26.41 16.63 -6.49
N GLU B 54 25.35 15.82 -6.31
CA GLU B 54 25.30 14.47 -6.89
C GLU B 54 25.28 14.50 -8.42
N ARG B 55 24.70 15.54 -8.99
CA ARG B 55 24.58 15.74 -10.43
C ARG B 55 25.90 16.01 -11.12
N GLN B 56 26.88 16.57 -10.38
CA GLN B 56 28.19 16.91 -10.92
C GLN B 56 28.89 15.74 -11.64
N LYS B 57 28.64 14.48 -11.25
CA LYS B 57 29.22 13.30 -11.93
C LYS B 57 28.81 13.30 -13.42
N ASP B 58 27.54 13.65 -13.68
CA ASP B 58 27.02 13.70 -15.04
C ASP B 58 27.20 15.04 -15.73
N LEU B 59 27.46 16.11 -14.97
CA LEU B 59 27.71 17.41 -15.56
C LEU B 59 29.14 17.51 -16.15
N LYS B 60 29.89 16.40 -16.16
CA LYS B 60 31.18 16.36 -16.82
C LYS B 60 30.90 16.09 -18.32
N PHE B 61 29.98 15.16 -18.61
CA PHE B 61 29.59 14.78 -19.96
C PHE B 61 28.54 15.72 -20.60
N LEU B 62 27.59 16.22 -19.79
CA LEU B 62 26.51 17.10 -20.26
C LEU B 62 26.49 18.46 -19.55
N SER B 63 26.09 19.53 -20.26
CA SER B 63 25.96 20.84 -19.61
C SER B 63 24.73 20.84 -18.69
N GLU B 64 24.50 21.90 -17.91
CA GLU B 64 23.31 21.97 -17.05
C GLU B 64 22.04 21.98 -17.91
N GLU B 65 22.11 22.70 -19.06
CA GLU B 65 21.05 22.87 -20.06
C GLU B 65 20.73 21.54 -20.71
N GLU B 66 21.75 20.77 -21.09
CA GLU B 66 21.56 19.47 -21.71
C GLU B 66 20.98 18.48 -20.73
N TYR B 67 21.36 18.55 -19.44
CA TYR B 67 20.83 17.67 -18.41
C TYR B 67 19.33 17.94 -18.22
N TRP B 68 18.91 19.23 -18.21
CA TRP B 68 17.51 19.62 -18.08
C TRP B 68 16.75 19.11 -19.28
N LYS B 69 17.25 19.40 -20.49
CA LYS B 69 16.66 18.96 -21.74
C LYS B 69 16.50 17.44 -21.79
N LEU B 70 17.43 16.69 -21.19
CA LEU B 70 17.33 15.23 -21.16
C LEU B 70 16.21 14.80 -20.19
N GLN B 71 16.13 15.49 -19.04
CA GLN B 71 15.12 15.24 -18.01
C GLN B 71 13.71 15.61 -18.51
N ILE B 72 13.60 16.56 -19.44
CA ILE B 72 12.33 16.93 -20.07
C ILE B 72 11.96 15.81 -21.05
N PHE B 73 12.94 15.35 -21.84
CA PHE B 73 12.79 14.30 -22.83
C PHE B 73 12.24 13.03 -22.23
N PHE B 74 12.91 12.46 -21.19
CA PHE B 74 12.44 11.22 -20.57
C PHE B 74 11.10 11.39 -19.83
N THR B 75 10.77 12.62 -19.43
CA THR B 75 9.46 12.91 -18.86
C THR B 75 8.41 12.71 -19.96
N ASN B 76 8.70 13.20 -21.18
CA ASN B 76 7.82 13.05 -22.34
C ASN B 76 7.72 11.59 -22.83
N VAL B 77 8.80 10.78 -22.67
CA VAL B 77 8.81 9.37 -23.06
C VAL B 77 7.88 8.59 -22.14
N ILE B 78 8.01 8.81 -20.81
CA ILE B 78 7.18 8.18 -19.78
C ILE B 78 5.71 8.52 -20.03
N GLN B 79 5.41 9.80 -20.31
CA GLN B 79 4.04 10.24 -20.61
C GLN B 79 3.49 9.54 -21.85
N ALA B 80 4.28 9.42 -22.92
CA ALA B 80 3.83 8.73 -24.13
C ALA B 80 3.61 7.24 -23.87
N LEU B 81 4.49 6.61 -23.05
CA LEU B 81 4.40 5.20 -22.68
C LEU B 81 3.10 4.97 -21.92
N GLY B 82 2.83 5.83 -20.95
CA GLY B 82 1.63 5.78 -20.12
C GLY B 82 0.38 5.94 -20.95
N GLU B 83 0.39 6.86 -21.93
CA GLU B 83 -0.75 7.05 -22.81
C GLU B 83 -1.04 5.78 -23.59
N HIS B 84 -0.01 5.18 -24.19
CA HIS B 84 -0.11 3.94 -24.94
C HIS B 84 -0.78 2.82 -24.12
N LEU B 85 -0.42 2.72 -22.84
CA LEU B 85 -0.96 1.69 -21.97
C LEU B 85 -2.30 2.06 -21.30
N LYS B 86 -2.93 3.15 -21.76
CA LYS B 86 -4.20 3.67 -21.28
C LYS B 86 -4.21 3.83 -19.76
N LEU B 87 -3.06 4.20 -19.19
CA LEU B 87 -2.90 4.37 -17.76
C LEU B 87 -3.30 5.75 -17.31
N ARG B 88 -3.82 5.86 -16.09
CA ARG B 88 -4.22 7.12 -15.50
C ARG B 88 -3.02 8.04 -15.30
N GLN B 89 -3.28 9.35 -15.20
CA GLN B 89 -2.25 10.35 -14.98
C GLN B 89 -1.46 10.08 -13.70
N GLN B 90 -2.13 9.66 -12.60
CA GLN B 90 -1.43 9.38 -11.33
C GLN B 90 -0.40 8.28 -11.49
N VAL B 91 -0.67 7.30 -12.36
CA VAL B 91 0.31 6.24 -12.61
C VAL B 91 1.53 6.81 -13.31
N ILE B 92 1.30 7.64 -14.36
CA ILE B 92 2.36 8.30 -15.12
C ILE B 92 3.20 9.21 -14.22
N ALA B 93 2.54 10.02 -13.39
CA ALA B 93 3.18 10.95 -12.46
C ALA B 93 4.03 10.18 -11.47
N THR B 94 3.55 9.04 -10.95
CA THR B 94 4.31 8.20 -10.01
C THR B 94 5.54 7.61 -10.72
N ALA B 95 5.35 7.15 -11.97
CA ALA B 95 6.42 6.60 -12.80
C ALA B 95 7.53 7.63 -13.00
N THR B 96 7.13 8.90 -13.27
CA THR B 96 8.06 9.99 -13.49
C THR B 96 8.86 10.27 -12.22
N VAL B 97 8.17 10.27 -11.06
CA VAL B 97 8.84 10.51 -9.79
C VAL B 97 9.86 9.40 -9.50
N TYR B 98 9.55 8.11 -9.77
CA TYR B 98 10.51 7.03 -9.54
C TYR B 98 11.76 7.23 -10.39
N PHE B 99 11.56 7.61 -11.65
CA PHE B 99 12.61 7.86 -12.62
C PHE B 99 13.50 8.99 -12.14
N LYS B 100 12.89 10.15 -11.80
CA LYS B 100 13.59 11.33 -11.27
C LYS B 100 14.38 10.97 -10.03
N ARG B 101 13.77 10.22 -9.10
CA ARG B 101 14.36 9.77 -7.85
C ARG B 101 15.60 8.92 -8.13
N PHE B 102 15.49 7.97 -9.08
CA PHE B 102 16.60 7.09 -9.42
C PHE B 102 17.79 7.88 -9.93
N TYR B 103 17.57 8.82 -10.86
CA TYR B 103 18.66 9.59 -11.41
C TYR B 103 19.05 10.82 -10.57
N ALA B 104 18.36 11.08 -9.45
CA ALA B 104 18.77 12.09 -8.47
C ALA B 104 19.95 11.51 -7.68
N ARG B 105 19.94 10.20 -7.40
CA ARG B 105 21.05 9.58 -6.67
C ARG B 105 22.04 8.89 -7.59
N TYR B 106 21.60 8.41 -8.76
CA TYR B 106 22.50 7.67 -9.64
C TYR B 106 22.74 8.37 -10.97
N SER B 107 23.84 7.99 -11.61
CA SER B 107 24.25 8.56 -12.87
C SER B 107 23.49 7.91 -14.03
N LEU B 108 23.34 8.66 -15.13
CA LEU B 108 22.70 8.20 -16.37
C LEU B 108 23.40 6.98 -16.98
N LYS B 109 24.61 6.65 -16.52
CA LYS B 109 25.31 5.48 -17.04
C LYS B 109 25.02 4.22 -16.24
N SER B 110 24.61 4.34 -14.95
CA SER B 110 24.33 3.18 -14.11
C SER B 110 23.34 2.20 -14.76
N ILE B 111 22.14 2.68 -15.09
CA ILE B 111 21.13 1.92 -15.82
C ILE B 111 20.69 2.79 -17.02
N ASP B 112 20.49 2.17 -18.19
CA ASP B 112 20.03 2.88 -19.38
C ASP B 112 18.65 3.46 -19.11
N PRO B 113 18.49 4.79 -19.18
CA PRO B 113 17.15 5.40 -18.99
C PRO B 113 16.09 4.87 -19.96
N VAL B 114 16.50 4.40 -21.13
CA VAL B 114 15.61 3.80 -22.12
C VAL B 114 15.01 2.48 -21.61
N LEU B 115 15.71 1.76 -20.71
CA LEU B 115 15.20 0.55 -20.05
C LEU B 115 14.47 0.96 -18.76
N MET B 116 15.00 1.96 -18.05
CA MET B 116 14.49 2.48 -16.80
C MET B 116 13.08 3.06 -16.93
N ALA B 117 12.83 3.91 -17.93
CA ALA B 117 11.50 4.52 -18.13
C ALA B 117 10.32 3.52 -18.19
N PRO B 118 10.32 2.48 -19.06
CA PRO B 118 9.20 1.51 -19.04
C PRO B 118 9.18 0.65 -17.78
N THR B 119 10.36 0.45 -17.13
CA THR B 119 10.42 -0.27 -15.85
C THR B 119 9.64 0.52 -14.81
N CYS B 120 9.85 1.85 -14.76
CA CYS B 120 9.13 2.74 -13.86
C CYS B 120 7.64 2.67 -14.09
N VAL B 121 7.19 2.66 -15.36
CA VAL B 121 5.76 2.57 -15.69
C VAL B 121 5.17 1.26 -15.14
N PHE B 122 5.81 0.14 -15.43
CA PHE B 122 5.43 -1.19 -15.00
C PHE B 122 5.27 -1.28 -13.46
N LEU B 123 6.25 -0.81 -12.69
CA LEU B 123 6.16 -0.81 -11.23
C LEU B 123 5.08 0.14 -10.74
N ALA B 124 5.01 1.36 -11.30
CA ALA B 124 4.01 2.33 -10.87
C ALA B 124 2.58 1.81 -11.03
N SER B 125 2.32 0.98 -12.07
CA SER B 125 0.98 0.40 -12.26
C SER B 125 0.66 -0.64 -11.21
N LYS B 126 1.67 -1.32 -10.68
CA LYS B 126 1.46 -2.34 -9.66
C LYS B 126 1.20 -1.69 -8.33
N VAL B 127 1.98 -0.65 -7.99
CA VAL B 127 1.86 0.13 -6.77
C VAL B 127 0.49 0.78 -6.74
N GLU B 128 0.10 1.44 -7.85
CA GLU B 128 -1.16 2.14 -7.97
C GLU B 128 -2.38 1.24 -8.21
N GLU B 129 -2.23 -0.09 -8.00
CA GLU B 129 -3.30 -1.11 -8.09
C GLU B 129 -4.01 -1.18 -9.44
N PHE B 130 -3.35 -0.70 -10.49
CA PHE B 130 -3.87 -0.72 -11.84
C PHE B 130 -3.79 -2.15 -12.37
N GLY B 131 -2.63 -2.76 -12.24
CA GLY B 131 -2.42 -4.12 -12.70
C GLY B 131 -0.99 -4.42 -13.07
N VAL B 132 -0.76 -5.63 -13.53
CA VAL B 132 0.54 -6.05 -14.00
C VAL B 132 0.46 -6.04 -15.51
N VAL B 133 1.18 -5.11 -16.18
CA VAL B 133 1.18 -5.05 -17.64
C VAL B 133 1.89 -6.30 -18.15
N SER B 134 1.26 -7.00 -19.11
CA SER B 134 1.82 -8.24 -19.64
C SER B 134 3.16 -8.05 -20.32
N ASN B 135 3.99 -9.10 -20.35
CA ASN B 135 5.32 -9.09 -20.97
C ASN B 135 5.25 -8.54 -22.41
N THR B 136 4.33 -9.10 -23.21
CA THR B 136 4.15 -8.74 -24.60
C THR B 136 3.69 -7.31 -24.76
N ARG B 137 2.70 -6.91 -23.97
CA ARG B 137 2.11 -5.57 -23.99
C ARG B 137 3.05 -4.47 -23.53
N LEU B 138 3.90 -4.74 -22.54
CA LEU B 138 4.84 -3.74 -22.02
C LEU B 138 5.95 -3.49 -23.00
N ILE B 139 6.51 -4.58 -23.53
CA ILE B 139 7.60 -4.51 -24.48
C ILE B 139 7.11 -3.91 -25.81
N ALA B 140 5.88 -4.27 -26.24
CA ALA B 140 5.34 -3.74 -27.47
C ALA B 140 4.98 -2.27 -27.35
N ALA B 141 4.54 -1.82 -26.16
CA ALA B 141 4.25 -0.40 -25.96
C ALA B 141 5.57 0.38 -26.02
N ALA B 142 6.62 -0.12 -25.34
CA ALA B 142 7.95 0.49 -25.37
C ALA B 142 8.53 0.55 -26.79
N THR B 143 8.31 -0.51 -27.58
CA THR B 143 8.81 -0.58 -28.93
C THR B 143 8.06 0.42 -29.82
N SER B 144 6.72 0.36 -29.84
CA SER B 144 5.88 1.24 -30.64
C SER B 144 6.03 2.72 -30.28
N VAL B 145 6.10 3.06 -29.00
CA VAL B 145 6.23 4.45 -28.58
C VAL B 145 7.53 5.05 -29.09
N LEU B 146 8.66 4.36 -28.90
CA LEU B 146 9.94 4.88 -29.38
C LEU B 146 10.03 4.92 -30.89
N LYS B 147 9.44 3.95 -31.58
CA LYS B 147 9.47 3.90 -33.04
C LYS B 147 8.62 5.00 -33.67
N THR B 148 7.35 5.11 -33.29
CA THR B 148 6.45 6.10 -33.87
C THR B 148 6.66 7.54 -33.39
N ARG B 149 6.77 7.74 -32.07
CA ARG B 149 6.82 9.09 -31.52
C ARG B 149 8.20 9.62 -31.23
N PHE B 150 9.20 8.76 -31.05
CA PHE B 150 10.53 9.22 -30.69
C PHE B 150 11.63 8.80 -31.67
N SER B 151 11.29 8.63 -32.96
CA SER B 151 12.28 8.19 -33.97
C SER B 151 13.38 9.20 -34.26
N TYR B 152 13.13 10.49 -33.96
CA TYR B 152 14.12 11.54 -34.12
C TYR B 152 15.31 11.33 -33.14
N ALA B 153 15.05 10.72 -31.98
CA ALA B 153 16.07 10.48 -30.96
C ALA B 153 16.56 9.03 -30.92
N PHE B 154 15.76 8.09 -31.45
CA PHE B 154 16.15 6.68 -31.47
C PHE B 154 16.02 6.09 -32.85
N PRO B 155 17.14 5.92 -33.56
CA PRO B 155 17.06 5.30 -34.89
C PRO B 155 16.79 3.79 -34.84
N LYS B 156 17.31 3.10 -33.80
CA LYS B 156 17.14 1.66 -33.63
C LYS B 156 15.83 1.29 -32.92
N GLU B 157 15.37 0.06 -33.11
CA GLU B 157 14.18 -0.49 -32.43
C GLU B 157 14.50 -0.68 -30.91
N PHE B 158 13.46 -0.71 -30.04
CA PHE B 158 13.66 -0.92 -28.60
C PHE B 158 14.32 -2.27 -28.37
N PRO B 159 15.52 -2.27 -27.77
CA PRO B 159 16.29 -3.52 -27.69
C PRO B 159 16.06 -4.44 -26.50
N TYR B 160 15.35 -3.98 -25.48
CA TYR B 160 15.18 -4.77 -24.26
C TYR B 160 14.02 -5.74 -24.30
N ARG B 161 14.18 -6.84 -23.55
CA ARG B 161 13.20 -7.89 -23.36
C ARG B 161 12.68 -7.86 -21.91
N MET B 162 11.59 -8.59 -21.64
CA MET B 162 11.01 -8.61 -20.31
C MET B 162 11.98 -9.02 -19.22
N ASN B 163 13.01 -9.82 -19.54
CA ASN B 163 13.98 -10.20 -18.51
C ASN B 163 14.80 -9.00 -18.04
N HIS B 164 15.04 -8.02 -18.93
CA HIS B 164 15.77 -6.81 -18.64
C HIS B 164 14.94 -5.85 -17.77
N ILE B 165 13.64 -5.76 -18.05
CA ILE B 165 12.70 -4.91 -17.32
C ILE B 165 12.52 -5.43 -15.90
N LEU B 166 12.36 -6.76 -15.75
CA LEU B 166 12.20 -7.40 -14.45
C LEU B 166 13.48 -7.27 -13.62
N GLU B 167 14.64 -7.28 -14.28
CA GLU B 167 15.95 -7.15 -13.62
C GLU B 167 16.08 -5.73 -13.09
N CYS B 168 15.91 -4.73 -13.97
CA CYS B 168 15.92 -3.30 -13.66
C CYS B 168 14.93 -2.96 -12.52
N GLU B 169 13.84 -3.70 -12.41
CA GLU B 169 12.84 -3.48 -11.39
C GLU B 169 13.37 -3.83 -10.02
N PHE B 170 14.18 -4.90 -9.91
CA PHE B 170 14.76 -5.25 -8.61
C PHE B 170 15.68 -4.11 -8.11
N TYR B 171 16.50 -3.57 -9.05
CA TYR B 171 17.40 -2.45 -8.84
C TYR B 171 16.64 -1.18 -8.46
N LEU B 172 15.62 -0.78 -9.25
CA LEU B 172 14.84 0.42 -8.97
C LEU B 172 14.17 0.32 -7.60
N LEU B 173 13.58 -0.85 -7.29
CA LEU B 173 12.93 -1.04 -5.99
C LEU B 173 13.87 -0.79 -4.81
N GLU B 174 15.04 -1.44 -4.79
CA GLU B 174 15.97 -1.28 -3.68
C GLU B 174 16.66 0.07 -3.64
N LEU B 175 16.98 0.65 -4.80
CA LEU B 175 17.68 1.93 -4.84
C LEU B 175 16.75 3.15 -4.71
N MET B 176 15.59 2.91 -4.12
CA MET B 176 14.56 3.86 -3.72
C MET B 176 14.15 3.60 -2.27
N ASP B 177 14.85 2.66 -1.57
CA ASP B 177 14.57 2.21 -0.22
C ASP B 177 13.14 1.70 -0.09
N CYS B 178 12.60 1.11 -1.18
CA CYS B 178 11.24 0.59 -1.25
C CYS B 178 10.17 1.66 -1.04
N CYS B 179 10.50 2.94 -1.25
CA CYS B 179 9.54 4.04 -1.09
C CYS B 179 8.73 4.10 -2.36
N LEU B 180 7.52 3.53 -2.32
CA LEU B 180 6.63 3.40 -3.45
C LEU B 180 5.45 4.38 -3.43
N ILE B 181 4.96 4.75 -2.23
CA ILE B 181 3.83 5.68 -2.12
C ILE B 181 4.27 7.12 -2.41
N VAL B 182 3.77 7.67 -3.53
CA VAL B 182 4.12 9.01 -3.98
C VAL B 182 2.93 9.95 -3.99
N TYR B 183 3.11 11.11 -3.39
CA TYR B 183 2.13 12.17 -3.32
C TYR B 183 2.36 13.13 -4.47
N HIS B 184 1.28 13.51 -5.14
CA HIS B 184 1.32 14.39 -6.29
C HIS B 184 0.48 15.66 -6.02
N PRO B 185 0.61 16.73 -6.83
CA PRO B 185 -0.14 17.96 -6.53
C PRO B 185 -1.56 17.99 -7.06
N TYR B 186 -2.01 16.97 -7.81
CA TYR B 186 -3.35 16.93 -8.40
C TYR B 186 -4.43 16.89 -7.32
N ARG B 187 -4.23 16.06 -6.27
CA ARG B 187 -5.14 15.94 -5.13
C ARG B 187 -5.29 17.28 -4.36
N PRO B 188 -4.22 17.96 -3.90
CA PRO B 188 -4.41 19.27 -3.26
C PRO B 188 -4.98 20.29 -4.23
N LEU B 189 -4.54 20.30 -5.51
CA LEU B 189 -5.06 21.28 -6.47
C LEU B 189 -6.58 21.25 -6.60
N LEU B 190 -7.15 20.05 -6.63
CA LEU B 190 -8.58 19.86 -6.72
C LEU B 190 -9.29 20.43 -5.52
N GLN B 191 -8.72 20.24 -4.33
CA GLN B 191 -9.28 20.79 -3.12
C GLN B 191 -9.20 22.33 -3.15
N TYR B 192 -8.07 22.87 -3.60
CA TYR B 192 -7.89 24.30 -3.70
C TYR B 192 -8.89 24.96 -4.63
N VAL B 193 -9.06 24.48 -5.89
CA VAL B 193 -10.02 25.09 -6.84
C VAL B 193 -11.47 24.86 -6.43
N GLN B 194 -11.75 23.80 -5.63
CA GLN B 194 -13.09 23.55 -5.10
C GLN B 194 -13.33 24.66 -4.07
N ASP B 195 -12.38 24.91 -3.14
CA ASP B 195 -12.52 26.00 -2.17
C ASP B 195 -12.76 27.35 -2.83
N MET B 196 -12.00 27.65 -3.87
CA MET B 196 -12.11 28.88 -4.65
C MET B 196 -13.45 29.01 -5.37
N GLY B 197 -14.04 27.88 -5.73
CA GLY B 197 -15.27 27.79 -6.51
C GLY B 197 -15.04 28.09 -7.99
N GLN B 198 -13.79 28.00 -8.46
CA GLN B 198 -13.44 28.30 -9.84
C GLN B 198 -12.93 27.06 -10.54
N GLU B 199 -13.58 25.92 -10.32
CA GLU B 199 -13.18 24.64 -10.89
C GLU B 199 -13.33 24.65 -12.41
N ASP B 200 -14.43 25.20 -12.89
CA ASP B 200 -14.69 25.24 -14.33
C ASP B 200 -13.73 26.17 -15.02
N MET B 201 -13.49 27.34 -14.44
CA MET B 201 -12.63 28.33 -15.05
C MET B 201 -11.14 28.00 -14.97
N LEU B 202 -10.64 27.56 -13.81
CA LEU B 202 -9.21 27.35 -13.63
C LEU B 202 -8.67 25.92 -13.66
N LEU B 203 -9.43 24.90 -13.20
CA LEU B 203 -8.89 23.54 -13.12
C LEU B 203 -8.25 23.02 -14.42
N PRO B 204 -8.85 23.18 -15.63
CA PRO B 204 -8.18 22.68 -16.84
C PRO B 204 -6.75 23.22 -17.07
N LEU B 205 -6.53 24.51 -16.78
CA LEU B 205 -5.22 25.14 -16.95
C LEU B 205 -4.30 24.81 -15.80
N ALA B 206 -4.77 24.90 -14.56
CA ALA B 206 -3.95 24.61 -13.38
C ALA B 206 -3.47 23.17 -13.42
N TRP B 207 -4.34 22.24 -13.82
CA TRP B 207 -4.01 20.83 -13.96
C TRP B 207 -2.92 20.65 -15.00
N ARG B 208 -3.02 21.37 -16.13
CA ARG B 208 -2.04 21.33 -17.19
C ARG B 208 -0.69 21.80 -16.69
N ILE B 209 -0.65 22.90 -15.94
CA ILE B 209 0.58 23.42 -15.36
C ILE B 209 1.18 22.42 -14.38
N VAL B 210 0.34 21.67 -13.64
CA VAL B 210 0.82 20.61 -12.74
C VAL B 210 1.58 19.53 -13.54
N ASN B 211 1.07 19.17 -14.74
CA ASN B 211 1.72 18.20 -15.63
C ASN B 211 3.09 18.72 -16.04
N ASP B 212 3.19 20.03 -16.34
CA ASP B 212 4.42 20.66 -16.79
C ASP B 212 5.48 20.68 -15.71
N THR B 213 5.08 20.83 -14.42
CA THR B 213 6.08 20.83 -13.35
C THR B 213 6.92 19.56 -13.30
N TYR B 214 6.46 18.47 -13.98
CA TYR B 214 7.23 17.24 -14.02
C TYR B 214 8.38 17.30 -14.98
N ARG B 215 8.46 18.31 -15.84
CA ARG B 215 9.63 18.52 -16.71
C ARG B 215 10.84 19.07 -15.87
N THR B 216 10.60 19.51 -14.59
CA THR B 216 11.55 20.13 -13.65
C THR B 216 11.78 19.27 -12.37
N ASP B 217 12.72 19.67 -11.50
CA ASP B 217 12.99 18.95 -10.26
C ASP B 217 12.04 19.30 -9.11
N LEU B 218 10.98 20.07 -9.36
CA LEU B 218 10.08 20.53 -8.28
C LEU B 218 9.53 19.44 -7.40
N CYS B 219 9.21 18.27 -7.95
CA CYS B 219 8.70 17.17 -7.15
C CYS B 219 9.69 16.65 -6.12
N LEU B 220 10.99 16.84 -6.36
CA LEU B 220 12.03 16.42 -5.43
C LEU B 220 12.39 17.48 -4.40
N LEU B 221 11.84 18.69 -4.51
CA LEU B 221 12.23 19.79 -3.64
C LEU B 221 11.12 20.32 -2.79
N TYR B 222 9.89 20.31 -3.31
CA TYR B 222 8.77 20.90 -2.60
C TYR B 222 7.62 19.95 -2.33
N PRO B 223 6.90 20.14 -1.20
CA PRO B 223 5.70 19.32 -0.95
C PRO B 223 4.66 19.50 -2.07
N PRO B 224 3.92 18.44 -2.39
CA PRO B 224 2.94 18.53 -3.49
C PRO B 224 1.93 19.67 -3.37
N PHE B 225 1.38 19.94 -2.18
CA PHE B 225 0.41 21.03 -2.01
C PHE B 225 1.01 22.41 -2.37
N MET B 226 2.34 22.56 -2.21
CA MET B 226 2.98 23.81 -2.54
C MET B 226 3.09 23.97 -4.04
N ILE B 227 3.43 22.90 -4.77
CA ILE B 227 3.48 22.95 -6.23
C ILE B 227 2.05 23.21 -6.78
N ALA B 228 1.02 22.64 -6.13
CA ALA B 228 -0.36 22.84 -6.49
C ALA B 228 -0.74 24.33 -6.37
N LEU B 229 -0.34 25.00 -5.26
CA LEU B 229 -0.60 26.42 -5.04
C LEU B 229 0.11 27.28 -6.06
N ALA B 230 1.34 26.89 -6.42
CA ALA B 230 2.11 27.63 -7.40
C ALA B 230 1.44 27.50 -8.78
N CYS B 231 1.02 26.29 -9.15
CA CYS B 231 0.33 26.02 -10.42
C CYS B 231 -1.00 26.72 -10.52
N LEU B 232 -1.72 26.79 -9.41
CA LEU B 232 -2.99 27.51 -9.33
C LEU B 232 -2.75 29.02 -9.46
N HIS B 233 -1.62 29.52 -8.90
CA HIS B 233 -1.30 30.93 -8.97
C HIS B 233 -1.01 31.33 -10.39
N VAL B 234 -0.14 30.61 -11.12
CA VAL B 234 0.20 30.94 -12.51
C VAL B 234 -1.07 30.87 -13.37
N ALA B 235 -1.96 29.90 -13.11
CA ALA B 235 -3.23 29.77 -13.83
C ALA B 235 -4.12 31.00 -13.63
N CYS B 236 -4.12 31.57 -12.41
CA CYS B 236 -4.87 32.78 -12.00
C CYS B 236 -4.33 34.01 -12.72
N VAL B 237 -3.00 34.10 -12.89
CA VAL B 237 -2.33 35.19 -13.57
C VAL B 237 -2.74 35.14 -15.05
N VAL B 238 -2.53 33.96 -15.69
CA VAL B 238 -2.79 33.67 -17.10
C VAL B 238 -4.22 34.00 -17.48
N GLN B 239 -5.20 33.61 -16.65
CA GLN B 239 -6.58 33.90 -16.97
C GLN B 239 -7.12 35.23 -16.42
N GLN B 240 -6.29 35.99 -15.70
CA GLN B 240 -6.63 37.28 -15.13
C GLN B 240 -7.76 37.21 -14.10
N LYS B 241 -7.66 36.22 -13.22
CA LYS B 241 -8.59 35.99 -12.12
C LYS B 241 -7.87 36.53 -10.86
N ASP B 242 -8.52 37.43 -10.13
CA ASP B 242 -7.93 38.05 -8.95
C ASP B 242 -8.12 37.16 -7.74
N ALA B 243 -7.07 36.46 -7.33
CA ALA B 243 -7.14 35.59 -6.16
C ALA B 243 -6.21 36.04 -5.04
N ARG B 244 -5.83 37.33 -5.00
CA ARG B 244 -4.93 37.86 -3.99
C ARG B 244 -5.41 37.61 -2.57
N GLN B 245 -6.70 37.87 -2.32
CA GLN B 245 -7.28 37.67 -1.00
C GLN B 245 -7.27 36.20 -0.60
N TRP B 246 -7.72 35.30 -1.51
CA TRP B 246 -7.75 33.86 -1.24
C TRP B 246 -6.37 33.34 -0.84
N PHE B 247 -5.34 33.78 -1.59
CA PHE B 247 -3.93 33.43 -1.37
C PHE B 247 -3.39 34.04 -0.06
N ALA B 248 -3.80 35.27 0.26
CA ALA B 248 -3.42 35.91 1.51
C ALA B 248 -4.03 35.17 2.71
N GLU B 249 -5.25 34.62 2.54
CA GLU B 249 -5.94 33.85 3.59
C GLU B 249 -5.35 32.44 3.81
N LEU B 250 -4.28 32.07 3.07
CA LEU B 250 -3.64 30.76 3.27
C LEU B 250 -2.49 30.91 4.25
N SER B 251 -2.35 29.94 5.15
CA SER B 251 -1.24 29.95 6.11
C SER B 251 -0.11 29.15 5.46
N VAL B 252 0.61 29.79 4.50
CA VAL B 252 1.70 29.18 3.74
C VAL B 252 2.88 30.12 3.60
N ASP B 253 4.08 29.55 3.42
CA ASP B 253 5.29 30.34 3.22
C ASP B 253 5.19 30.85 1.79
N MET B 254 4.75 32.10 1.62
CA MET B 254 4.60 32.67 0.28
C MET B 254 5.91 32.87 -0.45
N GLU B 255 7.07 32.76 0.25
CA GLU B 255 8.36 32.87 -0.43
C GLU B 255 8.63 31.58 -1.19
N LYS B 256 8.39 30.44 -0.53
CA LYS B 256 8.54 29.11 -1.11
C LYS B 256 7.64 28.95 -2.35
N ILE B 257 6.41 29.50 -2.33
CA ILE B 257 5.49 29.46 -3.46
C ILE B 257 6.07 30.27 -4.63
N LEU B 258 6.66 31.44 -4.33
CA LEU B 258 7.28 32.29 -5.33
C LEU B 258 8.51 31.65 -5.96
N GLU B 259 9.22 30.81 -5.20
CA GLU B 259 10.37 30.08 -5.72
C GLU B 259 9.87 29.10 -6.80
N ILE B 260 8.81 28.34 -6.47
CA ILE B 260 8.21 27.36 -7.37
C ILE B 260 7.66 28.01 -8.62
N ILE B 261 7.01 29.18 -8.45
CA ILE B 261 6.45 29.95 -9.57
C ILE B 261 7.55 30.34 -10.55
N ARG B 262 8.70 30.80 -10.03
CA ARG B 262 9.85 31.17 -10.85
C ARG B 262 10.33 30.00 -11.70
N VAL B 263 10.39 28.80 -11.11
CA VAL B 263 10.77 27.60 -11.84
C VAL B 263 9.77 27.31 -12.99
N ILE B 264 8.46 27.45 -12.70
CA ILE B 264 7.39 27.27 -13.70
C ILE B 264 7.51 28.30 -14.86
N LEU B 265 7.77 29.58 -14.53
CA LEU B 265 7.94 30.61 -15.56
C LEU B 265 9.20 30.34 -16.37
N LYS B 266 10.29 29.91 -15.69
CA LYS B 266 11.57 29.60 -16.32
C LYS B 266 11.39 28.46 -17.31
N LEU B 267 10.61 27.44 -16.92
CA LEU B 267 10.32 26.26 -17.72
C LEU B 267 9.70 26.68 -19.06
N TYR B 268 8.84 27.70 -19.07
CA TYR B 268 8.18 28.11 -20.31
C TYR B 268 9.11 28.81 -21.26
N GLU B 269 10.11 29.54 -20.73
CA GLU B 269 11.12 30.16 -21.58
C GLU B 269 12.04 29.08 -22.14
N GLN B 270 12.36 28.04 -21.35
CA GLN B 270 13.18 26.92 -21.82
C GLN B 270 12.40 26.14 -22.89
N TRP B 271 11.09 25.96 -22.69
CA TRP B 271 10.18 25.31 -23.63
C TRP B 271 10.24 26.01 -24.99
N LYS B 272 10.14 27.34 -25.00
CA LYS B 272 10.20 28.17 -26.19
C LYS B 272 11.54 28.04 -26.86
N ASN B 273 12.64 28.09 -26.10
CA ASN B 273 13.97 28.03 -26.68
C ASN B 273 14.53 26.63 -26.90
N PHE B 274 13.73 25.59 -26.73
CA PHE B 274 14.23 24.22 -26.88
C PHE B 274 13.47 23.48 -27.95
N ASP B 275 14.17 22.85 -28.88
CA ASP B 275 13.54 22.02 -29.91
C ASP B 275 14.09 20.62 -29.69
N GLU B 276 13.41 19.83 -28.86
CA GLU B 276 13.89 18.47 -28.56
C GLU B 276 14.05 17.60 -29.79
N ARG B 277 13.19 17.78 -30.80
N ARG B 277 13.19 17.78 -30.80
CA ARG B 277 13.26 16.97 -32.01
CA ARG B 277 13.27 16.98 -32.01
C ARG B 277 14.58 17.21 -32.76
C ARG B 277 14.59 17.21 -32.74
N LYS B 278 15.10 18.45 -32.73
CA LYS B 278 16.36 18.76 -33.41
C LYS B 278 17.60 18.60 -32.53
N GLU B 279 17.45 18.67 -31.20
CA GLU B 279 18.61 18.59 -30.31
C GLU B 279 18.80 17.27 -29.54
N MET B 280 17.75 16.46 -29.39
CA MET B 280 17.83 15.27 -28.54
C MET B 280 18.71 14.13 -29.00
N ALA B 281 18.91 13.91 -30.31
CA ALA B 281 19.76 12.81 -30.74
C ALA B 281 21.22 13.09 -30.34
N THR B 282 21.64 14.37 -30.36
CA THR B 282 22.98 14.83 -29.99
C THR B 282 23.10 14.83 -28.48
N ILE B 283 22.08 15.30 -27.75
CA ILE B 283 22.14 15.30 -26.30
C ILE B 283 22.22 13.88 -25.77
N LEU B 284 21.57 12.90 -26.44
CA LEU B 284 21.63 11.50 -26.03
C LEU B 284 22.99 10.87 -26.33
N SER B 285 23.71 11.38 -27.35
CA SER B 285 25.03 10.84 -27.68
C SER B 285 26.10 11.34 -26.69
N LYS B 286 25.95 12.58 -26.19
CA LYS B 286 26.87 13.20 -25.23
C LYS B 286 26.79 12.54 -23.85
N MET B 287 25.64 11.99 -23.51
CA MET B 287 25.32 11.32 -22.25
C MET B 287 26.29 10.20 -21.93
N PRO B 288 26.67 9.99 -20.64
CA PRO B 288 27.58 8.89 -20.30
C PRO B 288 26.95 7.50 -20.48
N LYS B 289 27.76 6.53 -20.92
CA LYS B 289 27.25 5.19 -21.18
C LYS B 289 27.85 4.12 -20.23
N PRO B 290 27.14 3.01 -20.03
CA PRO B 290 27.62 2.01 -19.08
C PRO B 290 28.92 1.31 -19.45
N LYS B 291 29.86 1.22 -18.49
CA LYS B 291 31.12 0.52 -18.67
C LYS B 291 30.80 -0.98 -18.75
N PRO B 292 31.24 -1.69 -19.81
CA PRO B 292 30.92 -3.12 -19.92
C PRO B 292 31.77 -4.01 -19.00
N PRO B 293 31.35 -5.27 -18.77
CA PRO B 293 32.14 -6.15 -17.90
C PRO B 293 33.49 -6.53 -18.51
N PRO B 294 34.51 -6.83 -17.68
CA PRO B 294 35.83 -7.18 -18.22
C PRO B 294 35.83 -8.27 -19.30
N ASN B 295 36.43 -7.94 -20.45
CA ASN B 295 36.54 -8.80 -21.61
C ASN B 295 37.92 -8.69 -22.29
C1 EDO C . -9.28 2.14 26.60
O1 EDO C . -7.97 2.63 26.83
C2 EDO C . -10.23 2.69 27.63
O2 EDO C . -11.22 3.51 27.00
C1 GOL D . 5.50 0.23 17.79
O1 GOL D . 5.13 0.52 19.13
C2 GOL D . 4.88 1.22 16.81
O2 GOL D . 5.27 0.88 15.46
C3 GOL D . 5.23 2.65 17.12
O3 GOL D . 4.37 3.56 16.44
N1 A1IS8 E . 4.79 -13.67 12.33
N3 A1IS8 E . -0.22 -17.00 10.63
C4 A1IS8 E . 4.06 -13.68 11.19
C5 A1IS8 E . 4.67 -14.76 13.09
C6 A1IS8 E . 3.85 -15.83 12.78
C7 A1IS8 E . 3.15 -15.74 11.59
C8 A1IS8 E . 2.14 -16.77 11.16
C10 A1IS8 E . 0.95 -18.98 11.53
C13 A1IS8 E . -0.85 -16.79 9.47
C15 A1IS8 E . -1.53 -15.07 7.78
C17 A1IS8 E . 0.63 -14.82 8.39
N5 A1IS8 E . 1.93 -12.29 6.18
C18 A1IS8 E . 1.25 -13.02 6.72
C16 A1IS8 E . 0.36 -13.94 7.37
N4 A1IS8 E . -0.95 -14.10 7.02
C14 A1IS8 E . -0.56 -15.56 8.64
O A1IS8 E . -1.64 -17.61 8.98
C11 A1IS8 E . -0.37 -18.23 11.43
C9 A1IS8 E . 2.10 -18.06 11.99
C12 A1IS8 E . 0.76 -16.09 11.21
N2 A1IS8 E . 3.26 -14.69 10.76
N A1IS8 E . 4.06 -12.54 10.44
C2 A1IS8 E . 4.90 -11.38 10.69
C1 A1IS8 E . 4.44 -10.38 9.65
C3 A1IS8 E . 3.22 -12.36 9.25
C A1IS8 E . 3.89 -11.25 8.54
F A1IS8 E . 4.95 -11.78 7.80
S DMS F . -8.51 18.17 -15.64
O DMS F . -8.30 16.79 -16.20
C1 DMS F . -9.65 18.02 -14.23
C2 DMS F . -9.61 19.10 -16.75
S DMS G . -3.79 36.32 -8.14
O DMS G . -2.78 36.32 -7.03
C1 DMS G . -2.90 35.88 -9.64
C2 DMS G . -4.10 38.03 -8.66
C1 GOL H . -3.48 11.48 -1.71
O1 GOL H . -3.47 12.81 -1.22
C2 GOL H . -2.18 11.14 -2.44
O2 GOL H . -2.04 11.98 -3.61
C3 GOL H . -2.09 9.68 -2.84
O3 GOL H . -1.77 8.84 -1.74
#